data_5NX4
#
_entry.id   5NX4
#
_cell.length_a   140.150
_cell.length_b   140.150
_cell.length_c   87.180
_cell.angle_alpha   90.00
_cell.angle_beta   90.00
_cell.angle_gamma   90.00
#
_symmetry.space_group_name_H-M   'I 4'
#
loop_
_entity.id
_entity.type
_entity.pdbx_description
1 polymer 'Pentalenene synthase'
2 non-polymer GLYCEROL
3 water water
#
_entity_poly.entity_id   1
_entity_poly.type   'polypeptide(L)'
_entity_poly.pdbx_seq_one_letter_code
;MQEFEFAVPAPSRVSPDLARARARHLDWVHAMDLVRGEEARRRYEFSCVADIGAYGYPHATGADLDLCVDVLGWTFLFDD
QFDAGDGRERDALAVCAELTDLLWKGTAATAASPPIVVAFSDCWERMRAGMSDAWRRRTVHEWVDYLAGWPTKLADRAHG
AVLDPAAHLRARHRTICCRPLFALAERVGGYEVPRRAWHSSRLDGMRFTTSDAVIGMNELHSFEKDRAQGHANLVLSLVH
HGGLTGPEAVTRVCDLVQGSIESFLRLRSGLPELGRALGVEGAVLDRYADALSAFCRGYHDWGRGASRYTTRDHPGDLGL
ENLVARSSG
;
_entity_poly.pdbx_strand_id   A,B
#
loop_
_chem_comp.id
_chem_comp.type
_chem_comp.name
_chem_comp.formula
GOL non-polymer GLYCEROL 'C3 H8 O3'
#
# COMPACT_ATOMS: atom_id res chain seq x y z
N GLU A 5 29.60 3.99 -2.79
CA GLU A 5 29.46 3.00 -3.86
C GLU A 5 28.97 1.67 -3.31
N PHE A 6 27.88 1.16 -3.89
CA PHE A 6 27.29 -0.10 -3.47
C PHE A 6 27.42 -1.13 -4.59
N ALA A 7 27.32 -2.40 -4.20
CA ALA A 7 27.52 -3.51 -5.14
C ALA A 7 26.18 -3.93 -5.74
N VAL A 8 25.64 -3.05 -6.57
CA VAL A 8 24.37 -3.33 -7.24
C VAL A 8 24.61 -4.38 -8.33
N PRO A 9 23.76 -5.41 -8.46
CA PRO A 9 24.00 -6.45 -9.45
C PRO A 9 23.53 -6.04 -10.85
N PRO A 11 25.68 -4.22 -14.14
CA PRO A 11 26.73 -3.37 -14.71
C PRO A 11 26.24 -1.97 -15.06
N SER A 12 27.15 -1.00 -15.01
CA SER A 12 26.80 0.37 -15.35
C SER A 12 26.53 0.50 -16.84
N ARG A 13 25.37 1.05 -17.19
CA ARG A 13 25.00 1.21 -18.58
C ARG A 13 24.19 2.49 -18.75
N VAL A 14 24.25 3.05 -19.95
CA VAL A 14 23.46 4.23 -20.32
C VAL A 14 22.95 4.05 -21.74
N SER A 15 21.76 4.58 -22.01
CA SER A 15 21.17 4.43 -23.33
C SER A 15 21.95 5.26 -24.35
N PRO A 16 22.20 4.71 -25.55
CA PRO A 16 22.97 5.47 -26.55
C PRO A 16 22.20 6.59 -27.24
N ASP A 17 20.88 6.66 -27.08
CA ASP A 17 20.06 7.67 -27.74
C ASP A 17 19.73 8.85 -26.83
N LEU A 18 20.59 9.12 -25.83
CA LEU A 18 20.27 10.13 -24.83
C LEU A 18 20.30 11.54 -25.42
N ALA A 19 21.20 11.80 -26.37
CA ALA A 19 21.33 13.15 -26.92
C ALA A 19 20.00 13.63 -27.51
N ARG A 20 19.42 12.86 -28.42
CA ARG A 20 18.17 13.25 -29.04
C ARG A 20 17.05 13.33 -27.99
N ALA A 21 17.00 12.35 -27.08
CA ALA A 21 15.93 12.32 -26.09
C ALA A 21 15.97 13.56 -25.20
N ARG A 22 17.17 14.00 -24.80
CA ARG A 22 17.28 15.17 -23.94
C ARG A 22 16.71 16.40 -24.60
N ALA A 23 17.07 16.64 -25.87
CA ALA A 23 16.59 17.83 -26.58
C ALA A 23 15.07 17.80 -26.74
N ARG A 24 14.53 16.65 -27.14
CA ARG A 24 13.08 16.55 -27.28
C ARG A 24 12.37 16.83 -25.96
N HIS A 25 12.89 16.29 -24.85
CA HIS A 25 12.22 16.44 -23.57
C HIS A 25 12.14 17.91 -23.15
N LEU A 26 13.19 18.68 -23.42
CA LEU A 26 13.17 20.09 -23.06
C LEU A 26 12.10 20.85 -23.83
N ASP A 27 11.86 20.47 -25.09
CA ASP A 27 10.74 21.04 -25.84
C ASP A 27 9.40 20.54 -25.30
N TRP A 28 9.37 19.32 -24.76
CA TRP A 28 8.12 18.76 -24.27
C TRP A 28 7.64 19.49 -23.02
N VAL A 29 8.54 19.71 -22.05
CA VAL A 29 8.16 20.43 -20.85
C VAL A 29 7.78 21.86 -21.19
N HIS A 30 8.32 22.40 -22.29
CA HIS A 30 7.90 23.72 -22.74
C HIS A 30 6.50 23.67 -23.34
N ALA A 31 6.22 22.67 -24.17
CA ALA A 31 4.90 22.55 -24.79
C ALA A 31 3.82 22.24 -23.76
N MET A 32 4.15 21.45 -22.74
CA MET A 32 3.19 21.13 -21.69
C MET A 32 2.97 22.27 -20.70
N ASP A 33 3.72 23.36 -20.83
CA ASP A 33 3.59 24.52 -19.95
C ASP A 33 4.06 24.21 -18.53
N LEU A 34 5.03 23.31 -18.39
CA LEU A 34 5.61 22.97 -17.09
C LEU A 34 6.88 23.76 -16.79
N VAL A 35 7.69 24.04 -17.80
CA VAL A 35 8.92 24.80 -17.66
C VAL A 35 9.01 25.79 -18.81
N ARG A 36 8.68 27.05 -18.55
CA ARG A 36 8.74 28.09 -19.57
C ARG A 36 9.57 29.25 -19.06
N GLY A 37 10.45 29.76 -19.92
CA GLY A 37 11.37 30.82 -19.55
C GLY A 37 12.82 30.36 -19.65
N GLU A 38 13.70 31.24 -20.13
CA GLU A 38 15.10 30.88 -20.27
C GLU A 38 15.72 30.51 -18.93
N GLU A 39 15.32 31.21 -17.87
CA GLU A 39 15.89 30.94 -16.55
C GLU A 39 15.43 29.59 -16.01
N ALA A 40 14.12 29.33 -16.04
CA ALA A 40 13.60 28.07 -15.56
C ALA A 40 14.11 26.89 -16.39
N ARG A 41 14.25 27.09 -17.70
CA ARG A 41 14.79 26.04 -18.56
C ARG A 41 16.24 25.76 -18.25
N ARG A 42 17.02 26.80 -17.94
CA ARG A 42 18.43 26.61 -17.62
C ARG A 42 18.58 25.85 -16.30
N ARG A 43 17.85 26.29 -15.27
CA ARG A 43 17.90 25.60 -13.98
C ARG A 43 17.47 24.15 -14.13
N TYR A 44 16.42 23.90 -14.92
CA TYR A 44 15.95 22.54 -15.12
C TYR A 44 17.00 21.69 -15.84
N GLU A 45 17.59 22.25 -16.89
CA GLU A 45 18.62 21.52 -17.63
C GLU A 45 19.85 21.22 -16.77
N PHE A 46 20.12 22.05 -15.75
CA PHE A 46 21.28 21.78 -14.88
C PHE A 46 21.03 20.68 -13.87
N SER A 47 19.78 20.37 -13.54
CA SER A 47 19.51 19.33 -12.56
C SER A 47 19.71 17.93 -13.14
N CYS A 48 19.61 17.77 -14.45
CA CYS A 48 19.81 16.48 -15.12
C CYS A 48 18.80 15.43 -14.66
N VAL A 49 17.69 15.86 -14.04
CA VAL A 49 16.71 14.89 -13.57
C VAL A 49 16.09 14.14 -14.73
N ALA A 50 16.03 14.77 -15.91
CA ALA A 50 15.49 14.08 -17.08
C ALA A 50 16.34 12.88 -17.46
N ASP A 51 17.67 13.02 -17.36
CA ASP A 51 18.58 11.98 -17.83
C ASP A 51 18.38 10.65 -17.11
N ILE A 52 17.72 10.66 -15.94
CA ILE A 52 17.55 9.41 -15.19
C ILE A 52 16.88 8.35 -16.04
N GLY A 53 15.96 8.76 -16.93
CA GLY A 53 15.29 7.79 -17.78
C GLY A 53 16.25 6.94 -18.58
N ALA A 54 17.37 7.55 -19.03
CA ALA A 54 18.37 6.81 -19.78
C ALA A 54 19.27 5.97 -18.88
N TYR A 55 19.38 6.30 -17.60
CA TYR A 55 20.15 5.49 -16.67
C TYR A 55 19.34 4.32 -16.14
N GLY A 56 18.06 4.56 -15.81
CA GLY A 56 17.21 3.51 -15.28
C GLY A 56 16.73 2.50 -16.31
N TYR A 57 16.74 2.87 -17.58
CA TYR A 57 16.33 1.99 -18.68
C TYR A 57 17.41 2.04 -19.76
N PRO A 58 18.58 1.44 -19.50
CA PRO A 58 19.73 1.63 -20.40
C PRO A 58 19.55 1.03 -21.78
N HIS A 59 18.58 0.14 -21.99
CA HIS A 59 18.35 -0.48 -23.29
C HIS A 59 17.26 0.20 -24.10
N ALA A 60 16.59 1.21 -23.55
CA ALA A 60 15.53 1.89 -24.26
C ALA A 60 16.08 2.88 -25.27
N THR A 61 15.42 2.96 -26.42
CA THR A 61 15.79 3.91 -27.46
C THR A 61 14.52 4.50 -28.07
N GLY A 62 14.70 5.61 -28.80
CA GLY A 62 13.60 6.18 -29.56
C GLY A 62 12.41 6.54 -28.69
N ALA A 63 11.22 6.21 -29.18
CA ALA A 63 9.99 6.61 -28.52
C ALA A 63 9.88 6.01 -27.12
N ASP A 64 10.36 4.77 -26.94
CA ASP A 64 10.35 4.16 -25.62
C ASP A 64 11.18 4.98 -24.63
N LEU A 65 12.39 5.35 -25.03
CA LEU A 65 13.23 6.18 -24.18
C LEU A 65 12.56 7.52 -23.89
N ASP A 66 11.92 8.12 -24.91
CA ASP A 66 11.21 9.37 -24.72
C ASP A 66 10.17 9.25 -23.63
N LEU A 67 9.42 8.14 -23.61
CA LEU A 67 8.42 7.94 -22.56
C LEU A 67 9.07 7.84 -21.20
N CYS A 68 10.20 7.13 -21.09
CA CYS A 68 10.89 7.00 -19.81
C CYS A 68 11.38 8.35 -19.31
N VAL A 69 11.97 9.16 -20.20
CA VAL A 69 12.47 10.47 -19.81
C VAL A 69 11.31 11.38 -19.41
N ASP A 70 10.20 11.31 -20.15
CA ASP A 70 9.05 12.16 -19.83
C ASP A 70 8.47 11.83 -18.47
N VAL A 71 8.26 10.55 -18.18
CA VAL A 71 7.64 10.15 -16.91
C VAL A 71 8.51 10.55 -15.73
N LEU A 72 9.81 10.25 -15.81
CA LEU A 72 10.70 10.56 -14.69
C LEU A 72 10.80 12.05 -14.45
N GLY A 73 10.90 12.85 -15.54
CA GLY A 73 10.88 14.28 -15.38
C GLY A 73 9.59 14.78 -14.75
N TRP A 74 8.47 14.14 -15.09
CA TRP A 74 7.19 14.54 -14.55
C TRP A 74 7.13 14.35 -13.03
N THR A 75 7.64 13.23 -12.53
CA THR A 75 7.61 12.98 -11.09
C THR A 75 8.36 14.06 -10.32
N PHE A 76 9.51 14.50 -10.84
CA PHE A 76 10.25 15.57 -10.19
C PHE A 76 9.50 16.88 -10.25
N LEU A 77 8.85 17.17 -11.38
CA LEU A 77 8.06 18.39 -11.50
C LEU A 77 6.81 18.32 -10.63
N PHE A 78 6.24 17.12 -10.48
CA PHE A 78 5.12 16.94 -9.56
C PHE A 78 5.56 17.17 -8.12
N ASP A 79 6.76 16.72 -7.76
CA ASP A 79 7.27 16.91 -6.41
C ASP A 79 7.49 18.40 -6.10
N ASP A 80 7.93 19.18 -7.08
CA ASP A 80 8.27 20.57 -6.83
C ASP A 80 7.06 21.38 -6.35
N GLN A 81 5.86 21.07 -6.83
CA GLN A 81 4.69 21.84 -6.44
C GLN A 81 4.38 21.76 -4.96
N PHE A 82 4.86 20.73 -4.26
CA PHE A 82 4.61 20.58 -2.84
C PHE A 82 5.65 21.28 -1.97
N ASP A 83 6.76 21.73 -2.55
CA ASP A 83 7.79 22.43 -1.78
C ASP A 83 7.63 23.95 -1.94
N GLU A 89 -0.89 24.30 -1.89
CA GLU A 89 -1.37 23.29 -0.97
C GLU A 89 -2.75 22.80 -1.37
N ARG A 90 -3.75 23.69 -1.25
CA ARG A 90 -5.10 23.35 -1.67
C ARG A 90 -5.13 22.97 -3.14
N ASP A 91 -4.30 23.62 -3.96
CA ASP A 91 -4.22 23.27 -5.37
C ASP A 91 -3.63 21.88 -5.57
N ALA A 92 -2.63 21.52 -4.77
CA ALA A 92 -2.00 20.22 -4.93
C ALA A 92 -2.95 19.08 -4.57
N LEU A 93 -3.78 19.28 -3.55
CA LEU A 93 -4.75 18.24 -3.20
C LEU A 93 -5.81 18.08 -4.28
N ALA A 94 -6.17 19.17 -4.97
CA ALA A 94 -7.13 19.07 -6.06
C ALA A 94 -6.54 18.30 -7.25
N VAL A 95 -5.25 18.49 -7.51
CA VAL A 95 -4.60 17.73 -8.59
C VAL A 95 -4.61 16.25 -8.28
N CYS A 96 -4.30 15.87 -7.04
CA CYS A 96 -4.33 14.46 -6.66
C CYS A 96 -5.71 13.86 -6.90
N ALA A 97 -6.76 14.62 -6.62
CA ALA A 97 -8.12 14.10 -6.81
C ALA A 97 -8.48 13.99 -8.28
N GLU A 98 -8.07 14.96 -9.08
CA GLU A 98 -8.34 14.89 -10.52
C GLU A 98 -7.59 13.75 -11.17
N LEU A 99 -6.32 13.56 -10.79
CA LEU A 99 -5.55 12.45 -11.35
C LEU A 99 -6.13 11.11 -10.94
N THR A 100 -6.65 11.02 -9.72
CA THR A 100 -7.25 9.77 -9.26
C THR A 100 -8.47 9.39 -10.10
N ASP A 101 -9.37 10.34 -10.33
CA ASP A 101 -10.54 10.07 -11.17
C ASP A 101 -10.13 9.75 -12.59
N LEU A 102 -9.14 10.46 -13.11
CA LEU A 102 -8.64 10.17 -14.46
C LEU A 102 -8.18 8.72 -14.56
N LEU A 103 -7.50 8.21 -13.53
CA LEU A 103 -7.01 6.84 -13.56
C LEU A 103 -8.11 5.84 -13.27
N TRP A 104 -8.93 6.10 -12.24
CA TRP A 104 -10.00 5.16 -11.89
C TRP A 104 -11.06 5.07 -12.98
N LYS A 105 -11.49 6.21 -13.52
CA LYS A 105 -12.62 6.25 -14.44
C LYS A 105 -12.21 6.27 -15.90
N GLY A 106 -10.92 6.21 -16.20
CA GLY A 106 -10.47 6.14 -17.58
C GLY A 106 -10.71 7.38 -18.40
N THR A 107 -10.79 8.54 -17.77
CA THR A 107 -11.01 9.80 -18.48
C THR A 107 -9.68 10.37 -18.95
N ALA A 108 -9.73 11.54 -19.59
CA ALA A 108 -8.53 12.26 -19.99
C ALA A 108 -8.69 13.74 -19.65
N ALA A 109 -7.58 14.46 -19.72
CA ALA A 109 -7.55 15.87 -19.31
C ALA A 109 -8.46 16.71 -20.19
N THR A 110 -8.92 17.82 -19.63
CA THR A 110 -9.80 18.76 -20.31
C THR A 110 -9.07 20.08 -20.53
N ALA A 111 -9.82 21.10 -20.98
CA ALA A 111 -9.25 22.41 -21.21
C ALA A 111 -9.00 23.19 -19.93
N ALA A 112 -9.72 22.88 -18.86
CA ALA A 112 -9.52 23.54 -17.57
C ALA A 112 -8.51 22.83 -16.68
N SER A 113 -8.01 21.69 -17.10
CA SER A 113 -7.05 20.95 -16.28
C SER A 113 -5.72 21.72 -16.22
N PRO A 114 -5.06 21.74 -15.07
CA PRO A 114 -3.77 22.43 -14.97
C PRO A 114 -2.70 21.71 -15.77
N PRO A 115 -1.58 22.38 -16.07
CA PRO A 115 -0.56 21.75 -16.92
C PRO A 115 -0.04 20.43 -16.38
N ILE A 116 0.06 20.28 -15.06
CA ILE A 116 0.60 19.05 -14.50
C ILE A 116 -0.33 17.87 -14.77
N VAL A 117 -1.64 18.13 -14.87
CA VAL A 117 -2.59 17.06 -15.19
C VAL A 117 -2.56 16.74 -16.68
N VAL A 118 -2.50 17.77 -17.53
CA VAL A 118 -2.39 17.54 -18.97
C VAL A 118 -1.16 16.71 -19.29
N ALA A 119 -0.03 17.03 -18.64
CA ALA A 119 1.21 16.32 -18.92
C ALA A 119 1.13 14.85 -18.52
N PHE A 120 0.51 14.56 -17.37
CA PHE A 120 0.40 13.17 -16.94
C PHE A 120 -0.45 12.36 -17.91
N SER A 121 -1.60 12.91 -18.31
CA SER A 121 -2.45 12.23 -19.29
C SER A 121 -1.69 11.96 -20.58
N ASP A 122 -0.88 12.92 -21.01
CA ASP A 122 -0.04 12.73 -22.20
C ASP A 122 0.87 11.52 -22.04
N CYS A 123 1.49 11.37 -20.86
CA CYS A 123 2.33 10.20 -20.61
C CYS A 123 1.49 8.93 -20.50
N TRP A 124 0.37 8.99 -19.76
CA TRP A 124 -0.39 7.78 -19.46
C TRP A 124 -0.97 7.15 -20.71
N GLU A 125 -1.40 7.96 -21.67
CA GLU A 125 -1.94 7.41 -22.90
C GLU A 125 -0.90 6.60 -23.65
N ARG A 126 0.34 7.08 -23.68
CA ARG A 126 1.43 6.31 -24.28
C ARG A 126 1.76 5.09 -23.43
N MET A 127 1.78 5.26 -22.11
CA MET A 127 2.22 4.18 -21.22
C MET A 127 1.26 3.00 -21.24
N ARG A 128 -0.04 3.26 -21.39
CA ARG A 128 -1.05 2.21 -21.36
C ARG A 128 -1.27 1.55 -22.71
N ALA A 129 -0.78 2.15 -23.80
CA ALA A 129 -1.02 1.61 -25.12
C ALA A 129 -0.37 0.24 -25.27
N GLY A 130 -1.12 -0.71 -25.82
CA GLY A 130 -0.62 -2.05 -26.07
C GLY A 130 -0.58 -2.97 -24.87
N MET A 131 -1.07 -2.54 -23.72
CA MET A 131 -1.05 -3.35 -22.50
C MET A 131 -2.44 -3.90 -22.22
N SER A 132 -2.49 -5.06 -21.56
CA SER A 132 -3.75 -5.74 -21.32
C SER A 132 -4.54 -5.05 -20.21
N ASP A 133 -5.82 -5.41 -20.11
CA ASP A 133 -6.66 -4.85 -19.06
C ASP A 133 -6.15 -5.24 -17.68
N ALA A 134 -5.61 -6.45 -17.53
CA ALA A 134 -5.06 -6.87 -16.25
C ALA A 134 -3.87 -6.00 -15.86
N TRP A 135 -2.96 -5.74 -16.80
CA TRP A 135 -1.81 -4.90 -16.51
C TRP A 135 -2.25 -3.48 -16.16
N ARG A 136 -3.22 -2.95 -16.91
CA ARG A 136 -3.70 -1.59 -16.61
C ARG A 136 -4.33 -1.52 -15.24
N ARG A 137 -5.04 -2.57 -14.82
CA ARG A 137 -5.71 -2.55 -13.53
C ARG A 137 -4.69 -2.50 -12.38
N ARG A 138 -3.67 -3.34 -12.41
CA ARG A 138 -2.70 -3.32 -11.32
C ARG A 138 -1.79 -2.10 -11.39
N THR A 139 -1.57 -1.56 -12.58
CA THR A 139 -0.74 -0.36 -12.70
C THR A 139 -1.50 0.88 -12.25
N VAL A 140 -2.81 0.96 -12.54
CA VAL A 140 -3.62 2.07 -12.04
C VAL A 140 -3.58 2.12 -10.53
N HIS A 141 -3.74 0.97 -9.88
CA HIS A 141 -3.72 0.93 -8.42
C HIS A 141 -2.40 1.44 -7.86
N GLU A 142 -1.29 1.10 -8.52
CA GLU A 142 0.02 1.55 -8.05
C GLU A 142 0.20 3.05 -8.24
N TRP A 143 -0.29 3.60 -9.35
CA TRP A 143 -0.24 5.05 -9.53
C TRP A 143 -1.03 5.76 -8.44
N VAL A 144 -2.22 5.25 -8.11
CA VAL A 144 -3.06 5.91 -7.11
C VAL A 144 -2.48 5.77 -5.72
N ASP A 145 -1.82 4.64 -5.42
CA ASP A 145 -1.17 4.49 -4.12
C ASP A 145 -0.01 5.46 -3.98
N TYR A 146 0.66 5.77 -5.10
CA TYR A 146 1.69 6.81 -5.09
C TYR A 146 1.08 8.17 -4.77
N LEU A 147 -0.08 8.48 -5.38
CA LEU A 147 -0.74 9.75 -5.09
C LEU A 147 -1.20 9.82 -3.65
N ALA A 148 -1.51 8.68 -3.02
CA ALA A 148 -2.02 8.67 -1.66
C ALA A 148 -0.99 9.14 -0.64
N GLY A 149 0.28 9.18 -1.00
CA GLY A 149 1.32 9.56 -0.06
C GLY A 149 1.53 11.05 0.12
N TRP A 150 0.93 11.87 -0.74
CA TRP A 150 1.21 13.29 -0.73
C TRP A 150 0.32 14.05 0.25
N PRO A 151 -0.95 13.67 0.42
CA PRO A 151 -1.71 14.22 1.56
C PRO A 151 -1.03 13.93 2.89
N THR A 152 -0.38 12.77 3.02
CA THR A 152 0.36 12.46 4.24
C THR A 152 1.55 13.40 4.40
N LYS A 153 2.25 13.69 3.30
CA LYS A 153 3.41 14.57 3.37
C LYS A 153 3.00 15.97 3.84
N LEU A 154 1.92 16.51 3.29
CA LEU A 154 1.48 17.84 3.69
C LEU A 154 0.97 17.85 5.13
N ALA A 155 0.28 16.79 5.55
CA ALA A 155 -0.21 16.73 6.91
C ALA A 155 0.94 16.64 7.91
N ASP A 156 1.95 15.82 7.61
CA ASP A 156 3.09 15.70 8.51
C ASP A 156 3.85 17.01 8.64
N ARG A 157 3.96 17.77 7.55
CA ARG A 157 4.63 19.06 7.61
C ARG A 157 3.87 20.05 8.48
N ALA A 158 2.54 20.07 8.36
CA ALA A 158 1.73 20.93 9.22
C ALA A 158 1.76 20.45 10.67
N HIS A 159 1.89 19.14 10.88
CA HIS A 159 1.94 18.60 12.24
C HIS A 159 3.23 19.03 12.94
N GLY A 160 4.36 18.92 12.25
CA GLY A 160 5.65 19.33 12.76
C GLY A 160 6.38 18.32 13.61
N ALA A 161 5.79 17.16 13.86
CA ALA A 161 6.44 16.14 14.67
C ALA A 161 7.43 15.33 13.84
N VAL A 162 8.43 14.76 14.51
CA VAL A 162 9.44 13.95 13.86
C VAL A 162 8.93 12.51 13.79
N LEU A 163 8.78 12.00 12.57
CA LEU A 163 8.33 10.63 12.38
C LEU A 163 9.37 9.63 12.87
N ASP A 164 8.89 8.50 13.40
CA ASP A 164 9.80 7.43 13.76
C ASP A 164 10.27 6.71 12.49
N PRO A 165 11.45 6.08 12.53
CA PRO A 165 12.02 5.50 11.30
C PRO A 165 11.07 4.61 10.52
N ALA A 166 10.36 3.71 11.21
CA ALA A 166 9.47 2.80 10.51
C ALA A 166 8.32 3.55 9.83
N ALA A 167 7.79 4.58 10.48
CA ALA A 167 6.72 5.35 9.87
C ALA A 167 7.20 6.17 8.69
N HIS A 168 8.46 6.63 8.72
CA HIS A 168 9.01 7.36 7.59
C HIS A 168 9.13 6.45 6.37
N LEU A 169 9.56 5.20 6.56
CA LEU A 169 9.74 4.29 5.45
C LEU A 169 8.41 3.88 4.83
N ARG A 170 7.39 3.65 5.65
CA ARG A 170 6.07 3.31 5.11
C ARG A 170 5.55 4.41 4.20
N ALA A 171 5.71 5.66 4.61
CA ALA A 171 5.24 6.77 3.80
C ALA A 171 6.08 6.94 2.54
N ARG A 172 7.39 6.71 2.65
CA ARG A 172 8.29 6.90 1.52
C ARG A 172 8.11 5.82 0.46
N HIS A 173 7.69 4.62 0.87
CA HIS A 173 7.43 3.56 -0.10
C HIS A 173 6.31 3.94 -1.06
N ARG A 174 5.49 4.93 -0.71
CA ARG A 174 4.47 5.45 -1.61
C ARG A 174 5.02 6.55 -2.51
N THR A 175 5.68 7.55 -1.93
CA THR A 175 6.12 8.72 -2.68
C THR A 175 7.36 8.46 -3.53
N ILE A 176 8.13 7.41 -3.24
CA ILE A 176 9.34 7.16 -4.03
C ILE A 176 8.97 6.79 -5.47
N CYS A 177 7.80 6.21 -5.68
CA CYS A 177 7.27 5.96 -7.02
C CYS A 177 8.07 4.89 -7.76
N CYS A 178 8.49 3.85 -7.05
CA CYS A 178 9.26 2.78 -7.68
C CYS A 178 8.38 1.78 -8.40
N ARG A 179 7.22 1.46 -7.84
CA ARG A 179 6.40 0.39 -8.39
C ARG A 179 5.77 0.81 -9.71
N PRO A 180 5.26 2.03 -9.84
CA PRO A 180 4.82 2.47 -11.17
C PRO A 180 5.93 2.45 -12.20
N LEU A 181 7.17 2.78 -11.81
CA LEU A 181 8.28 2.76 -12.74
C LEU A 181 8.76 1.34 -13.05
N PHE A 182 8.48 0.37 -12.16
CA PHE A 182 8.73 -1.02 -12.50
C PHE A 182 7.75 -1.51 -13.55
N ALA A 183 6.48 -1.08 -13.44
CA ALA A 183 5.51 -1.38 -14.48
C ALA A 183 5.93 -0.78 -15.82
N LEU A 184 6.49 0.43 -15.79
CA LEU A 184 6.95 1.05 -17.02
C LEU A 184 8.04 0.22 -17.69
N ALA A 185 8.84 -0.50 -16.91
CA ALA A 185 9.88 -1.35 -17.50
C ALA A 185 9.26 -2.46 -18.33
N GLU A 186 8.13 -3.01 -17.89
CA GLU A 186 7.41 -3.98 -18.70
C GLU A 186 6.92 -3.34 -20.00
N ARG A 187 6.34 -2.15 -19.90
CA ARG A 187 5.76 -1.49 -21.06
C ARG A 187 6.80 -1.28 -22.15
N VAL A 188 7.97 -0.75 -21.79
CA VAL A 188 9.00 -0.47 -22.78
C VAL A 188 9.83 -1.71 -23.11
N GLY A 189 9.86 -2.70 -22.21
CA GLY A 189 10.61 -3.92 -22.48
C GLY A 189 9.93 -4.85 -23.48
N GLY A 190 8.61 -4.73 -23.63
CA GLY A 190 7.89 -5.52 -24.60
C GLY A 190 7.28 -6.80 -24.07
N TYR A 191 6.98 -6.86 -22.78
CA TYR A 191 6.44 -8.07 -22.17
C TYR A 191 5.57 -7.70 -20.98
N GLU A 192 4.76 -8.67 -20.55
CA GLU A 192 4.03 -8.59 -19.29
C GLU A 192 4.37 -9.84 -18.49
N VAL A 193 4.79 -9.65 -17.24
CA VAL A 193 5.02 -10.82 -16.39
C VAL A 193 3.69 -11.55 -16.20
N PRO A 194 3.61 -12.86 -16.45
CA PRO A 194 2.34 -13.57 -16.25
C PRO A 194 1.75 -13.30 -14.88
N ARG A 195 0.42 -13.32 -14.83
CA ARG A 195 -0.30 -12.94 -13.62
C ARG A 195 0.10 -13.80 -12.43
N ARG A 196 0.14 -15.12 -12.62
CA ARG A 196 0.40 -16.03 -11.52
C ARG A 196 1.77 -15.78 -10.89
N ALA A 197 2.73 -15.25 -11.67
CA ALA A 197 4.06 -14.99 -11.15
C ALA A 197 4.22 -13.57 -10.62
N TRP A 198 3.56 -12.59 -11.25
CA TRP A 198 3.75 -11.20 -10.83
C TRP A 198 3.26 -10.96 -9.42
N HIS A 199 2.16 -11.61 -9.03
CA HIS A 199 1.60 -11.43 -7.70
C HIS A 199 2.29 -12.25 -6.63
N SER A 200 3.19 -13.16 -7.00
CA SER A 200 3.85 -14.01 -6.02
C SER A 200 4.64 -13.16 -5.04
N SER A 201 4.77 -13.67 -3.81
CA SER A 201 5.55 -12.95 -2.79
C SER A 201 7.03 -12.86 -3.18
N ARG A 202 7.52 -13.81 -3.97
CA ARG A 202 8.92 -13.75 -4.40
C ARG A 202 9.19 -12.51 -5.23
N LEU A 203 8.37 -12.27 -6.26
CA LEU A 203 8.59 -11.09 -7.09
C LEU A 203 8.19 -9.81 -6.37
N ASP A 204 7.16 -9.87 -5.53
CA ASP A 204 6.81 -8.69 -4.74
C ASP A 204 7.91 -8.35 -3.75
N GLY A 205 8.61 -9.36 -3.22
CA GLY A 205 9.74 -9.10 -2.35
C GLY A 205 10.91 -8.47 -3.08
N MET A 206 11.10 -8.83 -4.35
CA MET A 206 12.13 -8.20 -5.16
C MET A 206 11.79 -6.74 -5.44
N ARG A 207 10.50 -6.45 -5.66
CA ARG A 207 10.08 -5.06 -5.81
C ARG A 207 10.28 -4.30 -4.50
N PHE A 208 10.00 -4.95 -3.37
CA PHE A 208 10.12 -4.27 -2.08
C PHE A 208 11.58 -3.99 -1.73
N THR A 209 12.45 -4.99 -1.90
CA THR A 209 13.86 -4.79 -1.57
C THR A 209 14.51 -3.77 -2.49
N THR A 210 14.14 -3.77 -3.77
CA THR A 210 14.67 -2.75 -4.68
C THR A 210 14.22 -1.36 -4.25
N SER A 211 12.98 -1.23 -3.79
CA SER A 211 12.48 0.07 -3.32
C SER A 211 13.24 0.53 -2.09
N ASP A 212 13.50 -0.37 -1.14
CA ASP A 212 14.28 -0.01 0.05
C ASP A 212 15.63 0.57 -0.33
N ALA A 213 16.32 -0.06 -1.28
CA ALA A 213 17.65 0.40 -1.68
C ALA A 213 17.57 1.80 -2.30
N VAL A 214 16.61 2.01 -3.20
CA VAL A 214 16.47 3.32 -3.84
C VAL A 214 16.14 4.38 -2.81
N ILE A 215 15.28 4.04 -1.83
CA ILE A 215 14.95 4.99 -0.78
C ILE A 215 16.19 5.33 0.04
N GLY A 216 16.93 4.32 0.46
CA GLY A 216 18.13 4.56 1.23
C GLY A 216 19.12 5.47 0.52
N MET A 217 19.39 5.18 -0.76
CA MET A 217 20.25 6.05 -1.54
C MET A 217 19.67 7.45 -1.66
N ASN A 218 18.36 7.55 -1.89
CA ASN A 218 17.72 8.85 -2.04
C ASN A 218 17.81 9.68 -0.76
N GLU A 219 17.63 9.02 0.40
CA GLU A 219 17.67 9.75 1.66
C GLU A 219 19.03 10.38 1.93
N LEU A 220 20.11 9.72 1.51
CA LEU A 220 21.44 10.28 1.70
C LEU A 220 21.73 11.40 0.71
N HIS A 221 21.15 11.33 -0.49
CA HIS A 221 21.36 12.40 -1.47
C HIS A 221 20.65 13.68 -1.06
N SER A 222 19.42 13.57 -0.57
CA SER A 222 18.59 14.72 -0.23
C SER A 222 18.73 15.10 1.24
N PHE A 223 19.78 14.63 1.91
CA PHE A 223 19.93 14.87 3.35
C PHE A 223 19.98 16.36 3.64
N GLU A 224 20.93 17.06 3.01
CA GLU A 224 21.11 18.49 3.28
C GLU A 224 19.87 19.29 2.88
N LYS A 225 19.25 18.94 1.75
CA LYS A 225 18.06 19.67 1.30
C LYS A 225 16.92 19.54 2.31
N ASP A 226 16.65 18.32 2.76
CA ASP A 226 15.55 18.11 3.71
C ASP A 226 15.83 18.80 5.03
N ARG A 227 17.09 18.78 5.48
CA ARG A 227 17.44 19.41 6.75
C ARG A 227 17.29 20.93 6.67
N ALA A 228 17.60 21.52 5.51
CA ALA A 228 17.54 22.96 5.37
C ALA A 228 16.12 23.49 5.20
N GLN A 229 15.16 22.64 4.82
CA GLN A 229 13.78 23.06 4.64
C GLN A 229 12.90 22.60 5.79
N HIS A 231 12.24 19.48 6.61
CA HIS A 231 11.42 18.36 6.17
C HIS A 231 11.91 17.06 6.78
N ALA A 232 11.10 16.01 6.64
CA ALA A 232 11.44 14.70 7.19
C ALA A 232 12.58 14.06 6.42
N ASN A 233 13.35 13.24 7.11
CA ASN A 233 14.45 12.50 6.52
C ASN A 233 14.76 11.30 7.40
N LEU A 234 15.11 10.18 6.77
CA LEU A 234 15.30 8.94 7.53
C LEU A 234 16.41 9.10 8.56
N VAL A 235 17.49 9.81 8.20
CA VAL A 235 18.59 9.99 9.13
C VAL A 235 18.15 10.80 10.35
N LEU A 236 17.37 11.86 10.13
CA LEU A 236 16.90 12.67 11.24
C LEU A 236 15.99 11.88 12.17
N SER A 237 15.17 10.98 11.61
CA SER A 237 14.30 10.17 12.43
C SER A 237 15.10 9.20 13.30
N LEU A 238 16.18 8.64 12.75
CA LEU A 238 17.01 7.73 13.52
C LEU A 238 17.72 8.45 14.66
N VAL A 239 18.17 9.67 14.43
CA VAL A 239 18.82 10.45 15.49
C VAL A 239 17.81 10.78 16.59
N HIS A 240 16.62 11.24 16.20
CA HIS A 240 15.67 11.73 17.19
C HIS A 240 15.10 10.60 18.02
N HIS A 241 14.70 9.50 17.38
CA HIS A 241 14.01 8.41 18.08
C HIS A 241 14.95 7.31 18.55
N GLY A 242 16.07 7.08 17.86
CA GLY A 242 17.01 6.06 18.25
C GLY A 242 18.12 6.53 19.16
N GLY A 243 18.22 7.84 19.40
CA GLY A 243 19.31 8.38 20.18
C GLY A 243 20.66 8.31 19.51
N LEU A 244 20.74 7.86 18.27
CA LEU A 244 22.01 7.74 17.57
C LEU A 244 22.51 9.12 17.15
N THR A 245 23.80 9.18 16.86
CA THR A 245 24.39 10.38 16.28
C THR A 245 24.24 10.35 14.76
N GLY A 246 24.59 11.45 14.12
CA GLY A 246 24.53 11.55 12.69
C GLY A 246 25.29 10.42 12.02
N PRO A 247 26.59 10.32 12.31
CA PRO A 247 27.38 9.22 11.72
C PRO A 247 26.80 7.84 11.96
N GLU A 248 26.25 7.59 13.16
CA GLU A 248 25.67 6.29 13.45
C GLU A 248 24.41 6.04 12.62
N ALA A 249 23.55 7.05 12.51
CA ALA A 249 22.32 6.89 11.74
C ALA A 249 22.61 6.65 10.27
N VAL A 250 23.66 7.28 9.74
CA VAL A 250 24.03 7.10 8.34
C VAL A 250 24.50 5.67 8.09
N THR A 251 25.36 5.16 8.97
CA THR A 251 25.78 3.77 8.85
C THR A 251 24.58 2.83 8.85
N ARG A 252 23.53 3.18 9.60
CA ARG A 252 22.32 2.36 9.64
C ARG A 252 21.65 2.35 8.27
N VAL A 253 21.58 3.51 7.60
CA VAL A 253 20.94 3.57 6.29
C VAL A 253 21.77 2.82 5.26
N CYS A 254 23.10 2.90 5.35
CA CYS A 254 23.95 2.13 4.45
C CYS A 254 23.72 0.64 4.63
N ASP A 255 23.60 0.18 5.88
CA ASP A 255 23.30 -1.22 6.12
C ASP A 255 21.95 -1.62 5.54
N LEU A 256 21.01 -0.69 5.48
CA LEU A 256 19.70 -0.97 4.87
C LEU A 256 19.85 -1.22 3.37
N VAL A 257 20.65 -0.41 2.70
CA VAL A 257 20.85 -0.58 1.26
C VAL A 257 21.57 -1.88 0.97
N GLN A 258 22.66 -2.15 1.68
CA GLN A 258 23.43 -3.37 1.45
C GLN A 258 22.59 -4.60 1.75
N GLY A 259 21.83 -4.57 2.84
CA GLY A 259 20.98 -5.70 3.17
C GLY A 259 19.85 -5.91 2.17
N SER A 260 19.31 -4.82 1.64
CA SER A 260 18.27 -4.94 0.62
C SER A 260 18.80 -5.59 -0.65
N ILE A 261 19.99 -5.20 -1.09
CA ILE A 261 20.60 -5.82 -2.27
C ILE A 261 20.85 -7.30 -2.02
N GLU A 262 21.38 -7.63 -0.84
CA GLU A 262 21.66 -9.03 -0.53
C GLU A 262 20.39 -9.87 -0.53
N SER A 263 19.30 -9.34 0.03
CA SER A 263 18.04 -10.05 0.01
C SER A 263 17.52 -10.20 -1.41
N PHE A 264 17.62 -9.13 -2.21
CA PHE A 264 17.23 -9.20 -3.61
C PHE A 264 17.97 -10.32 -4.33
N LEU A 265 19.25 -10.49 -4.04
CA LEU A 265 20.04 -11.52 -4.72
C LEU A 265 19.64 -12.92 -4.28
N ARG A 266 19.27 -13.10 -3.02
CA ARG A 266 18.79 -14.41 -2.57
C ARG A 266 17.47 -14.76 -3.26
N LEU A 267 16.58 -13.77 -3.41
CA LEU A 267 15.31 -14.02 -4.09
C LEU A 267 15.53 -14.31 -5.56
N ARG A 268 16.48 -13.62 -6.20
CA ARG A 268 16.70 -13.81 -7.63
C ARG A 268 17.14 -15.24 -7.93
N SER A 269 17.98 -15.81 -7.07
CA SER A 269 18.48 -17.17 -7.30
C SER A 269 17.37 -18.22 -7.21
N GLY A 270 16.20 -17.87 -6.71
CA GLY A 270 15.07 -18.77 -6.64
C GLY A 270 14.07 -18.62 -7.76
N LEU A 271 14.37 -17.81 -8.78
CA LEU A 271 13.44 -17.57 -9.87
C LEU A 271 13.30 -18.81 -10.75
N PRO A 272 14.37 -19.57 -11.00
CA PRO A 272 14.20 -20.81 -11.75
C PRO A 272 13.20 -21.76 -11.12
N GLU A 273 13.22 -21.90 -9.80
CA GLU A 273 12.25 -22.76 -9.12
C GLU A 273 10.86 -22.17 -9.16
N LEU A 274 10.75 -20.84 -9.08
CA LEU A 274 9.45 -20.20 -9.22
C LEU A 274 8.83 -20.52 -10.58
N GLY A 275 9.64 -20.46 -11.64
CA GLY A 275 9.13 -20.77 -12.96
C GLY A 275 8.68 -22.21 -13.10
N ARG A 276 9.44 -23.15 -12.54
CA ARG A 276 9.05 -24.55 -12.61
C ARG A 276 7.74 -24.80 -11.88
N ALA A 277 7.61 -24.24 -10.67
CA ALA A 277 6.42 -24.48 -9.87
C ALA A 277 5.17 -23.93 -10.56
N LEU A 278 5.25 -22.72 -11.10
CA LEU A 278 4.12 -22.06 -11.73
C LEU A 278 4.05 -22.29 -13.23
N GLY A 279 5.01 -23.01 -13.82
CA GLY A 279 5.01 -23.22 -15.25
C GLY A 279 5.15 -21.92 -16.02
N VAL A 280 6.14 -21.10 -15.66
CA VAL A 280 6.38 -19.82 -16.28
C VAL A 280 7.72 -19.86 -17.00
N GLU A 281 7.76 -19.30 -18.21
CA GLU A 281 9.01 -19.19 -18.94
C GLU A 281 10.05 -18.48 -18.10
N GLY A 282 11.23 -19.09 -17.98
CA GLY A 282 12.29 -18.50 -17.18
C GLY A 282 12.84 -17.22 -17.77
N ALA A 283 12.82 -17.11 -19.10
CA ALA A 283 13.38 -15.93 -19.76
C ALA A 283 12.72 -14.64 -19.29
N VAL A 284 11.38 -14.62 -19.23
CA VAL A 284 10.69 -13.39 -18.87
C VAL A 284 10.95 -13.03 -17.42
N LEU A 285 11.13 -14.04 -16.55
CA LEU A 285 11.41 -13.75 -15.15
C LEU A 285 12.80 -13.15 -14.97
N ASP A 286 13.80 -13.72 -15.65
CA ASP A 286 15.15 -13.17 -15.56
C ASP A 286 15.24 -11.78 -16.18
N ARG A 287 14.49 -11.55 -17.25
CA ARG A 287 14.47 -10.22 -17.87
C ARG A 287 13.81 -9.20 -16.95
N TYR A 288 12.78 -9.61 -16.21
CA TYR A 288 12.16 -8.70 -15.24
C TYR A 288 13.12 -8.40 -14.10
N ALA A 289 13.84 -9.42 -13.61
CA ALA A 289 14.84 -9.18 -12.57
C ALA A 289 15.93 -8.25 -13.05
N ASP A 290 16.36 -8.38 -14.31
CA ASP A 290 17.36 -7.48 -14.86
C ASP A 290 16.87 -6.04 -14.85
N ALA A 291 15.59 -5.82 -15.18
CA ALA A 291 15.05 -4.46 -15.21
C ALA A 291 15.03 -3.84 -13.83
N LEU A 292 14.64 -4.61 -12.81
CA LEU A 292 14.66 -4.10 -11.44
C LEU A 292 16.08 -3.77 -11.01
N SER A 293 17.02 -4.68 -11.30
CA SER A 293 18.42 -4.44 -10.95
C SER A 293 18.98 -3.25 -11.73
N ALA A 294 18.64 -3.14 -13.01
CA ALA A 294 19.16 -2.04 -13.82
C ALA A 294 18.66 -0.70 -13.30
N PHE A 295 17.40 -0.61 -12.88
CA PHE A 295 16.86 0.64 -12.37
C PHE A 295 17.61 1.08 -11.12
N CYS A 296 17.85 0.16 -10.20
CA CYS A 296 18.58 0.49 -8.98
C CYS A 296 20.01 0.93 -9.31
N ARG A 297 20.67 0.20 -10.21
CA ARG A 297 22.01 0.60 -10.65
C ARG A 297 21.99 1.97 -11.31
N GLY A 298 20.99 2.23 -12.17
CA GLY A 298 20.92 3.51 -12.86
C GLY A 298 20.82 4.68 -11.91
N TYR A 299 19.92 4.60 -10.93
CA TYR A 299 19.76 5.70 -9.98
C TYR A 299 21.04 5.90 -9.16
N HIS A 300 21.72 4.80 -8.83
CA HIS A 300 22.97 4.90 -8.09
C HIS A 300 24.02 5.66 -8.90
N ASP A 301 24.22 5.27 -10.16
CA ASP A 301 25.22 5.94 -11.00
C ASP A 301 24.85 7.39 -11.25
N TRP A 302 23.57 7.65 -11.56
CA TRP A 302 23.14 9.03 -11.81
C TRP A 302 23.36 9.90 -10.58
N GLY A 303 23.05 9.38 -9.40
CA GLY A 303 23.22 10.15 -8.18
C GLY A 303 24.63 10.65 -7.97
N ARG A 304 25.62 9.89 -8.43
CA ARG A 304 27.02 10.29 -8.29
C ARG A 304 27.41 11.27 -9.40
N PHE B 4 -3.97 -17.29 25.42
CA PHE B 4 -3.19 -16.11 25.77
C PHE B 4 -4.09 -14.95 26.14
N GLU B 5 -3.52 -13.92 26.75
CA GLU B 5 -4.28 -12.73 27.12
C GLU B 5 -3.35 -11.53 27.11
N PHE B 6 -3.74 -10.49 26.37
CA PHE B 6 -2.94 -9.28 26.24
C PHE B 6 -3.68 -8.10 26.88
N ALA B 7 -2.91 -7.06 27.19
CA ALA B 7 -3.44 -5.89 27.88
C ALA B 7 -3.89 -4.84 26.88
N VAL B 8 -4.98 -5.16 26.18
CA VAL B 8 -5.54 -4.24 25.20
C VAL B 8 -6.18 -3.06 25.94
N PRO B 9 -5.93 -1.81 25.54
CA PRO B 9 -6.46 -0.66 26.30
C PRO B 9 -7.91 -0.35 25.97
N ALA B 10 -8.80 -1.25 26.36
CA ALA B 10 -10.23 -1.06 26.18
C ALA B 10 -10.99 -2.10 27.00
N PRO B 11 -12.09 -1.72 27.65
CA PRO B 11 -12.84 -2.69 28.45
C PRO B 11 -13.62 -3.66 27.58
N SER B 12 -13.83 -4.87 28.11
CA SER B 12 -14.58 -5.87 27.38
C SER B 12 -16.05 -5.45 27.27
N ARG B 13 -16.56 -5.45 26.05
CA ARG B 13 -17.94 -5.04 25.79
C ARG B 13 -18.52 -5.86 24.66
N VAL B 14 -19.84 -6.01 24.68
CA VAL B 14 -20.58 -6.64 23.60
C VAL B 14 -21.87 -5.86 23.40
N SER B 15 -22.32 -5.78 22.16
CA SER B 15 -23.53 -5.03 21.87
C SER B 15 -24.75 -5.78 22.42
N PRO B 16 -25.70 -5.07 23.02
CA PRO B 16 -26.88 -5.77 23.58
C PRO B 16 -27.85 -6.26 22.52
N ASP B 17 -27.70 -5.85 21.26
CA ASP B 17 -28.59 -6.22 20.19
C ASP B 17 -28.05 -7.38 19.36
N LEU B 18 -27.19 -8.21 19.96
CA LEU B 18 -26.53 -9.28 19.20
C LEU B 18 -27.51 -10.36 18.77
N ALA B 19 -28.50 -10.67 19.61
CA ALA B 19 -29.44 -11.74 19.30
C ALA B 19 -30.15 -11.47 17.98
N ARG B 20 -30.79 -10.31 17.86
CA ARG B 20 -31.53 -9.98 16.64
C ARG B 20 -30.60 -9.91 15.42
N ALA B 21 -29.45 -9.25 15.58
CA ALA B 21 -28.55 -9.06 14.44
C ALA B 21 -28.07 -10.39 13.88
N ARG B 22 -27.72 -11.33 14.76
CA ARG B 22 -27.24 -12.64 14.31
C ARG B 22 -28.33 -13.36 13.52
N ALA B 23 -29.56 -13.36 14.04
CA ALA B 23 -30.65 -14.04 13.36
C ALA B 23 -30.92 -13.41 12.00
N ARG B 24 -30.96 -12.08 11.94
CA ARG B 24 -31.16 -11.39 10.66
C ARG B 24 -30.05 -11.74 9.68
N HIS B 25 -28.80 -11.76 10.14
CA HIS B 25 -27.68 -11.97 9.23
C HIS B 25 -27.75 -13.33 8.56
N LEU B 26 -28.18 -14.36 9.29
CA LEU B 26 -28.28 -15.69 8.71
C LEU B 26 -29.33 -15.73 7.61
N ASP B 27 -30.41 -14.95 7.75
CA ASP B 27 -31.35 -14.81 6.66
C ASP B 27 -30.76 -14.03 5.50
N TRP B 28 -29.84 -13.10 5.78
CA TRP B 28 -29.26 -12.28 4.73
C TRP B 28 -28.34 -13.10 3.83
N VAL B 29 -27.46 -13.91 4.42
CA VAL B 29 -26.57 -14.75 3.61
C VAL B 29 -27.38 -15.77 2.83
N HIS B 30 -28.54 -16.16 3.36
CA HIS B 30 -29.44 -17.05 2.61
C HIS B 30 -30.11 -16.30 1.45
N ALA B 31 -30.59 -15.08 1.70
CA ALA B 31 -31.24 -14.32 0.64
C ALA B 31 -30.26 -13.93 -0.45
N MET B 32 -29.01 -13.66 -0.09
CA MET B 32 -27.98 -13.29 -1.06
C MET B 32 -27.45 -14.51 -1.83
N ASP B 33 -27.89 -15.72 -1.49
CA ASP B 33 -27.44 -16.93 -2.16
C ASP B 33 -25.97 -17.22 -1.90
N LEU B 34 -25.50 -16.88 -0.70
CA LEU B 34 -24.11 -17.12 -0.31
C LEU B 34 -23.91 -18.45 0.39
N VAL B 35 -24.91 -18.91 1.14
CA VAL B 35 -24.81 -20.19 1.84
C VAL B 35 -26.08 -21.00 1.66
N TYR B 44 -21.58 -22.56 8.49
CA TYR B 44 -21.30 -21.13 8.60
C TYR B 44 -21.83 -20.50 9.88
N GLU B 45 -23.11 -20.70 10.15
CA GLU B 45 -23.72 -20.15 11.37
C GLU B 45 -23.09 -20.73 12.61
N PHE B 46 -22.53 -21.94 12.50
CA PHE B 46 -21.94 -22.64 13.63
C PHE B 46 -20.52 -22.19 13.94
N SER B 47 -19.87 -21.51 12.99
CA SER B 47 -18.52 -20.99 13.19
C SER B 47 -18.51 -19.78 14.12
N CYS B 48 -19.66 -19.12 14.31
CA CYS B 48 -19.79 -17.96 15.18
C CYS B 48 -19.04 -16.74 14.66
N VAL B 49 -18.65 -16.74 13.39
CA VAL B 49 -17.93 -15.61 12.81
C VAL B 49 -18.82 -14.36 12.79
N ALA B 50 -20.14 -14.55 12.71
CA ALA B 50 -21.04 -13.39 12.66
C ALA B 50 -20.91 -12.53 13.91
N ASP B 51 -20.76 -13.14 15.08
CA ASP B 51 -20.76 -12.39 16.33
C ASP B 51 -19.66 -11.34 16.40
N ILE B 52 -18.62 -11.45 15.57
CA ILE B 52 -17.50 -10.53 15.65
C ILE B 52 -17.98 -9.08 15.53
N GLY B 53 -18.99 -8.84 14.68
CA GLY B 53 -19.47 -7.49 14.49
C GLY B 53 -19.91 -6.82 15.78
N ALA B 54 -20.52 -7.60 16.67
CA ALA B 54 -20.99 -7.06 17.95
C ALA B 54 -19.84 -6.89 18.96
N TYR B 55 -18.73 -7.60 18.78
CA TYR B 55 -17.57 -7.40 19.65
C TYR B 55 -16.72 -6.23 19.21
N GLY B 56 -16.51 -6.09 17.90
CA GLY B 56 -15.69 -5.01 17.38
C GLY B 56 -16.35 -3.64 17.40
N TYR B 57 -17.67 -3.60 17.43
CA TYR B 57 -18.43 -2.35 17.49
C TYR B 57 -19.44 -2.47 18.62
N PRO B 58 -18.99 -2.46 19.87
CA PRO B 58 -19.88 -2.79 20.99
C PRO B 58 -20.98 -1.75 21.24
N HIS B 59 -20.89 -0.56 20.67
CA HIS B 59 -21.90 0.47 20.87
C HIS B 59 -22.91 0.53 19.73
N ALA B 60 -22.73 -0.26 18.68
CA ALA B 60 -23.64 -0.25 17.55
C ALA B 60 -24.88 -1.07 17.83
N THR B 61 -26.03 -0.57 17.36
CA THR B 61 -27.29 -1.28 17.49
C THR B 61 -28.08 -1.12 16.20
N GLY B 62 -29.11 -1.95 16.06
CA GLY B 62 -30.03 -1.83 14.94
C GLY B 62 -29.34 -1.95 13.59
N ALA B 63 -29.74 -1.06 12.67
CA ALA B 63 -29.25 -1.14 11.30
C ALA B 63 -27.74 -0.98 11.24
N ASP B 64 -27.16 -0.14 12.10
CA ASP B 64 -25.71 0.03 12.13
C ASP B 64 -25.02 -1.29 12.45
N LEU B 65 -25.48 -1.98 13.49
CA LEU B 65 -24.90 -3.27 13.84
C LEU B 65 -25.08 -4.27 12.72
N ASP B 66 -26.25 -4.27 12.07
CA ASP B 66 -26.49 -5.18 10.95
C ASP B 66 -25.45 -4.98 9.86
N LEU B 67 -25.11 -3.74 9.54
CA LEU B 67 -24.09 -3.49 8.53
C LEU B 67 -22.74 -4.03 8.96
N CYS B 68 -22.37 -3.86 10.23
CA CYS B 68 -21.10 -4.39 10.72
C CYS B 68 -21.07 -5.90 10.63
N VAL B 69 -22.15 -6.56 11.04
CA VAL B 69 -22.20 -8.02 10.96
C VAL B 69 -22.18 -8.47 9.51
N ASP B 70 -22.89 -7.76 8.63
CA ASP B 70 -22.93 -8.14 7.22
C ASP B 70 -21.54 -8.05 6.58
N VAL B 71 -20.84 -6.95 6.82
CA VAL B 71 -19.53 -6.74 6.19
C VAL B 71 -18.55 -7.80 6.67
N LEU B 72 -18.50 -8.02 7.99
CA LEU B 72 -17.54 -8.97 8.53
C LEU B 72 -17.85 -10.39 8.07
N GLY B 73 -19.13 -10.77 8.05
CA GLY B 73 -19.50 -12.07 7.52
C GLY B 73 -19.12 -12.23 6.07
N TRP B 74 -19.23 -11.15 5.29
CA TRP B 74 -18.89 -11.22 3.87
C TRP B 74 -17.41 -11.53 3.67
N THR B 75 -16.54 -10.90 4.45
CA THR B 75 -15.10 -11.13 4.30
C THR B 75 -14.76 -12.60 4.51
N PHE B 76 -15.39 -13.25 5.51
CA PHE B 76 -15.12 -14.66 5.74
C PHE B 76 -15.62 -15.53 4.60
N LEU B 77 -16.80 -15.20 4.06
CA LEU B 77 -17.32 -15.94 2.91
C LEU B 77 -16.53 -15.62 1.66
N PHE B 78 -16.02 -14.39 1.53
CA PHE B 78 -15.12 -14.06 0.43
C PHE B 78 -13.85 -14.87 0.50
N ASP B 79 -13.32 -15.10 1.71
CA ASP B 79 -12.11 -15.89 1.86
C ASP B 79 -12.37 -17.33 1.42
N ASP B 80 -13.56 -17.85 1.67
CA ASP B 80 -13.88 -19.23 1.30
C ASP B 80 -13.75 -19.43 -0.21
N GLN B 81 -13.97 -18.38 -1.00
CA GLN B 81 -13.91 -18.52 -2.45
C GLN B 81 -12.55 -19.03 -2.90
N PHE B 82 -11.51 -18.76 -2.12
CA PHE B 82 -10.16 -19.19 -2.44
C PHE B 82 -9.80 -20.52 -1.81
N ASP B 83 -10.59 -21.01 -0.86
CA ASP B 83 -10.32 -22.28 -0.20
C ASP B 83 -11.18 -23.39 -0.82
N ARG B 90 -9.67 -19.00 -11.23
CA ARG B 90 -10.03 -18.09 -12.32
C ARG B 90 -11.33 -17.37 -12.02
N ASP B 91 -12.27 -18.07 -11.38
CA ASP B 91 -13.53 -17.45 -11.01
C ASP B 91 -13.32 -16.39 -9.94
N ALA B 92 -12.45 -16.67 -8.96
CA ALA B 92 -12.19 -15.70 -7.90
C ALA B 92 -11.48 -14.46 -8.44
N LEU B 93 -10.58 -14.65 -9.41
CA LEU B 93 -9.89 -13.52 -10.01
C LEU B 93 -10.86 -12.64 -10.80
N ALA B 94 -11.89 -13.24 -11.41
CA ALA B 94 -12.88 -12.46 -12.12
C ALA B 94 -13.70 -11.62 -11.14
N VAL B 95 -14.00 -12.16 -9.96
CA VAL B 95 -14.70 -11.40 -8.94
C VAL B 95 -13.87 -10.21 -8.49
N CYS B 96 -12.58 -10.42 -8.28
CA CYS B 96 -11.70 -9.32 -7.88
C CYS B 96 -11.73 -8.19 -8.89
N ALA B 97 -11.77 -8.54 -10.19
CA ALA B 97 -11.79 -7.51 -11.22
C ALA B 97 -13.15 -6.81 -11.28
N GLU B 98 -14.24 -7.55 -11.11
CA GLU B 98 -15.56 -6.94 -11.13
C GLU B 98 -15.77 -6.02 -9.94
N LEU B 99 -15.33 -6.45 -8.76
CA LEU B 99 -15.45 -5.60 -7.57
C LEU B 99 -14.60 -4.34 -7.70
N THR B 100 -13.43 -4.46 -8.31
CA THR B 100 -12.56 -3.29 -8.47
C THR B 100 -13.24 -2.24 -9.35
N ASP B 101 -13.76 -2.66 -10.51
CA ASP B 101 -14.45 -1.73 -11.40
C ASP B 101 -15.69 -1.15 -10.73
N LEU B 102 -16.43 -1.99 -10.00
CA LEU B 102 -17.59 -1.50 -9.26
C LEU B 102 -17.22 -0.35 -8.34
N LEU B 103 -16.08 -0.46 -7.64
CA LEU B 103 -15.65 0.57 -6.71
C LEU B 103 -15.05 1.78 -7.44
N TRP B 104 -14.17 1.53 -8.40
CA TRP B 104 -13.51 2.62 -9.12
C TRP B 104 -14.51 3.44 -9.93
N LYS B 105 -15.42 2.77 -10.63
CA LYS B 105 -16.32 3.40 -11.58
C LYS B 105 -17.69 3.71 -11.01
N GLY B 106 -17.92 3.43 -9.73
CA GLY B 106 -19.19 3.75 -9.11
C GLY B 106 -20.36 2.92 -9.62
N THR B 107 -20.09 1.70 -10.06
CA THR B 107 -21.14 0.83 -10.57
C THR B 107 -21.81 0.09 -9.41
N ALA B 108 -22.83 -0.71 -9.75
CA ALA B 108 -23.47 -1.62 -8.81
C ALA B 108 -23.68 -2.95 -9.51
N ALA B 109 -24.02 -3.98 -8.73
CA ALA B 109 -24.14 -5.31 -9.28
C ALA B 109 -25.23 -5.37 -10.33
N THR B 110 -25.10 -6.31 -11.25
CA THR B 110 -26.06 -6.52 -12.32
C THR B 110 -26.72 -7.89 -12.15
N ALA B 111 -27.47 -8.31 -13.18
CA ALA B 111 -28.14 -9.60 -13.13
C ALA B 111 -27.19 -10.76 -13.39
N ALA B 112 -26.07 -10.50 -14.08
CA ALA B 112 -25.08 -11.54 -14.34
C ALA B 112 -24.00 -11.62 -13.26
N SER B 113 -24.00 -10.71 -12.30
CA SER B 113 -22.98 -10.74 -11.26
C SER B 113 -23.18 -11.96 -10.35
N PRO B 114 -22.10 -12.60 -9.92
CA PRO B 114 -22.24 -13.75 -9.02
C PRO B 114 -22.74 -13.31 -7.65
N PRO B 115 -23.22 -14.24 -6.83
CA PRO B 115 -23.79 -13.85 -5.53
C PRO B 115 -22.82 -13.09 -4.63
N ILE B 116 -21.52 -13.39 -4.69
CA ILE B 116 -20.57 -12.71 -3.81
C ILE B 116 -20.43 -11.25 -4.19
N VAL B 117 -20.61 -10.91 -5.47
CA VAL B 117 -20.55 -9.52 -5.90
C VAL B 117 -21.85 -8.80 -5.53
N VAL B 118 -22.99 -9.45 -5.75
CA VAL B 118 -24.26 -8.84 -5.38
C VAL B 118 -24.29 -8.51 -3.90
N ALA B 119 -23.77 -9.43 -3.06
CA ALA B 119 -23.79 -9.21 -1.62
C ALA B 119 -22.89 -8.03 -1.23
N PHE B 120 -21.73 -7.90 -1.87
CA PHE B 120 -20.84 -6.78 -1.55
C PHE B 120 -21.49 -5.45 -1.93
N SER B 121 -22.08 -5.37 -3.13
CA SER B 121 -22.77 -4.15 -3.52
C SER B 121 -23.86 -3.80 -2.53
N ASP B 122 -24.58 -4.81 -2.03
CA ASP B 122 -25.58 -4.57 -1.00
C ASP B 122 -24.97 -3.89 0.21
N CYS B 123 -23.79 -4.34 0.64
CA CYS B 123 -23.11 -3.71 1.77
C CYS B 123 -22.62 -2.31 1.42
N TRP B 124 -21.99 -2.16 0.25
CA TRP B 124 -21.33 -0.90 -0.08
C TRP B 124 -22.34 0.25 -0.20
N GLU B 125 -23.53 -0.03 -0.72
CA GLU B 125 -24.54 1.02 -0.84
C GLU B 125 -24.95 1.54 0.54
N ARG B 126 -25.08 0.65 1.53
CA ARG B 126 -25.34 1.10 2.89
C ARG B 126 -24.12 1.81 3.49
N MET B 127 -22.93 1.27 3.25
CA MET B 127 -21.73 1.79 3.89
C MET B 127 -21.37 3.19 3.41
N ARG B 128 -21.61 3.48 2.13
CA ARG B 128 -21.28 4.78 1.55
C ARG B 128 -22.36 5.83 1.76
N ALA B 129 -23.57 5.43 2.15
CA ALA B 129 -24.66 6.39 2.31
C ALA B 129 -24.33 7.37 3.43
N GLY B 130 -24.58 8.65 3.15
CA GLY B 130 -24.35 9.71 4.11
C GLY B 130 -22.90 10.13 4.30
N MET B 131 -21.98 9.58 3.54
CA MET B 131 -20.57 9.90 3.66
C MET B 131 -20.12 10.80 2.51
N SER B 132 -19.11 11.63 2.80
CA SER B 132 -18.65 12.62 1.84
C SER B 132 -17.85 11.97 0.71
N ASP B 133 -17.63 12.74 -0.35
CA ASP B 133 -16.83 12.25 -1.47
C ASP B 133 -15.39 11.96 -1.06
N ALA B 134 -14.84 12.79 -0.16
CA ALA B 134 -13.48 12.56 0.31
C ALA B 134 -13.38 11.24 1.06
N TRP B 135 -14.34 10.96 1.95
CA TRP B 135 -14.34 9.71 2.68
C TRP B 135 -14.50 8.53 1.72
N ARG B 136 -15.39 8.66 0.74
CA ARG B 136 -15.59 7.59 -0.22
C ARG B 136 -14.32 7.33 -1.03
N ARG B 137 -13.56 8.38 -1.33
CA ARG B 137 -12.38 8.24 -2.16
C ARG B 137 -11.32 7.39 -1.45
N ARG B 138 -11.03 7.72 -0.19
CA ARG B 138 -10.00 6.98 0.54
C ARG B 138 -10.47 5.60 0.97
N THR B 139 -11.78 5.41 1.16
CA THR B 139 -12.28 4.09 1.52
C THR B 139 -12.28 3.16 0.32
N VAL B 140 -12.61 3.68 -0.87
CA VAL B 140 -12.52 2.88 -2.09
C VAL B 140 -11.10 2.35 -2.27
N HIS B 141 -10.11 3.23 -2.10
CA HIS B 141 -8.72 2.81 -2.25
C HIS B 141 -8.37 1.71 -1.27
N GLU B 142 -8.86 1.80 -0.03
CA GLU B 142 -8.56 0.79 0.98
C GLU B 142 -9.24 -0.54 0.65
N TRP B 143 -10.47 -0.49 0.14
CA TRP B 143 -11.14 -1.71 -0.30
C TRP B 143 -10.35 -2.39 -1.41
N VAL B 144 -9.86 -1.62 -2.37
CA VAL B 144 -9.15 -2.21 -3.51
C VAL B 144 -7.79 -2.74 -3.09
N ASP B 145 -7.14 -2.10 -2.11
CA ASP B 145 -5.87 -2.63 -1.63
C ASP B 145 -6.07 -3.95 -0.89
N TYR B 146 -7.22 -4.12 -0.23
CA TYR B 146 -7.56 -5.41 0.36
C TYR B 146 -7.75 -6.47 -0.72
N LEU B 147 -8.45 -6.11 -1.81
CA LEU B 147 -8.64 -7.06 -2.91
C LEU B 147 -7.33 -7.46 -3.55
N ALA B 148 -6.32 -6.57 -3.52
CA ALA B 148 -5.05 -6.85 -4.17
C ALA B 148 -4.28 -7.98 -3.50
N GLY B 149 -4.64 -8.36 -2.27
CA GLY B 149 -3.90 -9.38 -1.55
C GLY B 149 -4.28 -10.81 -1.88
N TRP B 150 -5.38 -11.02 -2.59
CA TRP B 150 -5.89 -12.37 -2.80
C TRP B 150 -5.27 -13.04 -4.02
N PRO B 151 -4.98 -12.31 -5.10
CA PRO B 151 -4.12 -12.89 -6.14
C PRO B 151 -2.77 -13.34 -5.60
N THR B 152 -2.24 -12.63 -4.60
CA THR B 152 -1.01 -13.08 -3.95
C THR B 152 -1.23 -14.40 -3.21
N LYS B 153 -2.37 -14.54 -2.54
CA LYS B 153 -2.66 -15.77 -1.81
C LYS B 153 -2.69 -16.96 -2.74
N LEU B 154 -3.35 -16.82 -3.89
CA LEU B 154 -3.43 -17.93 -4.84
C LEU B 154 -2.06 -18.22 -5.46
N ALA B 155 -1.28 -17.18 -5.73
CA ALA B 155 0.05 -17.40 -6.31
C ALA B 155 0.99 -18.09 -5.33
N ASP B 156 0.98 -17.65 -4.07
CA ASP B 156 1.84 -18.27 -3.06
C ASP B 156 1.43 -19.72 -2.81
N ARG B 157 0.13 -20.01 -2.83
CA ARG B 157 -0.31 -21.38 -2.61
C ARG B 157 0.13 -22.28 -3.76
N ALA B 158 0.04 -21.78 -5.00
CA ALA B 158 0.51 -22.56 -6.14
C ALA B 158 2.03 -22.71 -6.13
N HIS B 159 2.75 -21.69 -5.63
CA HIS B 159 4.20 -21.78 -5.55
C HIS B 159 4.64 -22.83 -4.55
N GLY B 160 4.02 -22.83 -3.36
CA GLY B 160 4.33 -23.82 -2.35
C GLY B 160 5.49 -23.48 -1.44
N ALA B 161 6.14 -22.34 -1.66
CA ALA B 161 7.30 -21.97 -0.86
C ALA B 161 6.87 -21.36 0.47
N VAL B 162 7.76 -21.46 1.46
CA VAL B 162 7.52 -20.90 2.78
C VAL B 162 7.92 -19.43 2.77
N LEU B 163 6.97 -18.55 3.03
CA LEU B 163 7.26 -17.13 3.09
C LEU B 163 8.14 -16.81 4.30
N ASP B 164 9.03 -15.84 4.13
CA ASP B 164 9.80 -15.35 5.26
C ASP B 164 8.91 -14.43 6.11
N PRO B 165 9.22 -14.29 7.40
CA PRO B 165 8.30 -13.54 8.29
C PRO B 165 7.91 -12.18 7.77
N ALA B 166 8.85 -11.39 7.25
CA ALA B 166 8.52 -10.05 6.78
C ALA B 166 7.56 -10.10 5.59
N ALA B 167 7.77 -11.04 4.68
CA ALA B 167 6.89 -11.17 3.53
C ALA B 167 5.50 -11.66 3.92
N HIS B 168 5.42 -12.51 4.95
CA HIS B 168 4.12 -12.97 5.42
C HIS B 168 3.31 -11.81 5.99
N LEU B 169 3.95 -10.94 6.76
CA LEU B 169 3.23 -9.83 7.38
C LEU B 169 2.80 -8.79 6.36
N ARG B 170 3.64 -8.51 5.36
CA ARG B 170 3.26 -7.56 4.32
C ARG B 170 2.01 -8.02 3.58
N ALA B 171 1.93 -9.32 3.27
CA ALA B 171 0.76 -9.84 2.58
C ALA B 171 -0.46 -9.87 3.48
N ARG B 172 -0.27 -10.17 4.77
CA ARG B 172 -1.40 -10.29 5.68
C ARG B 172 -1.99 -8.91 6.01
N HIS B 173 -1.18 -7.86 5.94
CA HIS B 173 -1.72 -6.52 6.17
C HIS B 173 -2.75 -6.12 5.13
N ARG B 174 -2.80 -6.81 3.99
CA ARG B 174 -3.85 -6.58 3.00
C ARG B 174 -5.08 -7.43 3.27
N THR B 175 -4.90 -8.73 3.47
CA THR B 175 -6.03 -9.65 3.58
C THR B 175 -6.72 -9.58 4.94
N ILE B 176 -6.07 -9.03 5.96
CA ILE B 176 -6.69 -8.95 7.28
C ILE B 176 -7.90 -8.01 7.25
N CYS B 177 -7.88 -7.01 6.35
CA CYS B 177 -9.04 -6.14 6.11
C CYS B 177 -9.35 -5.24 7.29
N CYS B 178 -8.32 -4.73 7.95
CA CYS B 178 -8.53 -3.88 9.11
C CYS B 178 -8.87 -2.44 8.72
N ARG B 179 -8.24 -1.94 7.66
CA ARG B 179 -8.39 -0.53 7.29
C ARG B 179 -9.79 -0.24 6.74
N PRO B 180 -10.35 -1.10 5.89
CA PRO B 180 -11.77 -0.91 5.52
C PRO B 180 -12.70 -0.94 6.71
N LEU B 181 -12.40 -1.78 7.71
CA LEU B 181 -13.25 -1.86 8.90
C LEU B 181 -13.04 -0.69 9.85
N PHE B 182 -11.89 -0.01 9.79
CA PHE B 182 -11.73 1.23 10.54
C PHE B 182 -12.56 2.34 9.91
N ALA B 183 -12.60 2.41 8.58
CA ALA B 183 -13.50 3.34 7.91
C ALA B 183 -14.94 3.09 8.30
N LEU B 184 -15.32 1.81 8.42
CA LEU B 184 -16.68 1.46 8.82
C LEU B 184 -17.01 2.01 10.21
N ALA B 185 -16.00 2.13 11.08
CA ALA B 185 -16.24 2.67 12.42
C ALA B 185 -16.69 4.13 12.35
N GLU B 186 -16.13 4.89 11.40
CA GLU B 186 -16.59 6.25 11.17
C GLU B 186 -18.04 6.26 10.69
N ARG B 187 -18.36 5.40 9.74
CA ARG B 187 -19.70 5.38 9.15
C ARG B 187 -20.77 5.11 10.21
N VAL B 188 -20.55 4.11 11.06
CA VAL B 188 -21.56 3.78 12.07
C VAL B 188 -21.46 4.67 13.29
N GLY B 189 -20.30 5.28 13.53
CA GLY B 189 -20.15 6.18 14.67
C GLY B 189 -20.79 7.54 14.47
N GLY B 190 -20.97 7.96 13.22
CA GLY B 190 -21.62 9.23 12.94
C GLY B 190 -20.67 10.40 12.77
N TYR B 191 -19.44 10.17 12.34
CA TYR B 191 -18.46 11.24 12.20
C TYR B 191 -17.47 10.88 11.10
N GLU B 192 -16.74 11.89 10.64
CA GLU B 192 -15.60 11.70 9.75
C GLU B 192 -14.39 12.40 10.34
N VAL B 193 -13.28 11.67 10.45
CA VAL B 193 -12.04 12.32 10.89
C VAL B 193 -11.63 13.37 9.86
N PRO B 194 -11.36 14.61 10.24
CA PRO B 194 -10.97 15.63 9.26
C PRO B 194 -9.82 15.16 8.39
N ARG B 195 -9.82 15.65 7.14
CA ARG B 195 -8.88 15.14 6.13
C ARG B 195 -7.43 15.35 6.57
N ARG B 196 -7.08 16.56 6.99
CA ARG B 196 -5.69 16.85 7.33
C ARG B 196 -5.18 16.00 8.49
N ALA B 197 -6.06 15.50 9.35
CA ALA B 197 -5.66 14.67 10.47
C ALA B 197 -5.65 13.19 10.12
N TRP B 198 -6.61 12.75 9.30
CA TRP B 198 -6.72 11.32 8.97
C TRP B 198 -5.48 10.83 8.23
N HIS B 199 -4.92 11.66 7.34
CA HIS B 199 -3.77 11.26 6.54
C HIS B 199 -2.45 11.39 7.30
N SER B 200 -2.44 12.02 8.46
CA SER B 200 -1.19 12.21 9.20
C SER B 200 -0.58 10.86 9.56
N SER B 201 0.75 10.84 9.65
CA SER B 201 1.44 9.62 10.06
C SER B 201 1.06 9.21 11.47
N ARG B 202 0.64 10.17 12.31
CA ARG B 202 0.22 9.83 13.67
C ARG B 202 -0.96 8.89 13.66
N LEU B 203 -2.03 9.24 12.93
CA LEU B 203 -3.20 8.39 12.89
C LEU B 203 -2.99 7.15 12.02
N ASP B 204 -2.20 7.26 10.95
CA ASP B 204 -1.88 6.09 10.14
C ASP B 204 -1.05 5.09 10.94
N GLY B 205 -0.20 5.58 11.85
CA GLY B 205 0.53 4.68 12.72
C GLY B 205 -0.36 3.94 13.69
N MET B 206 -1.43 4.58 14.14
CA MET B 206 -2.39 3.90 15.01
C MET B 206 -3.16 2.83 14.25
N ARG B 207 -3.48 3.08 12.98
CA ARG B 207 -4.11 2.06 12.15
C ARG B 207 -3.14 0.91 11.91
N PHE B 208 -1.86 1.21 11.71
CA PHE B 208 -0.87 0.17 11.45
C PHE B 208 -0.61 -0.68 12.69
N THR B 209 -0.42 -0.03 13.84
CA THR B 209 -0.15 -0.79 15.07
C THR B 209 -1.34 -1.65 15.47
N THR B 210 -2.56 -1.13 15.30
CA THR B 210 -3.74 -1.93 15.59
C THR B 210 -3.81 -3.15 14.67
N SER B 211 -3.45 -2.98 13.40
CA SER B 211 -3.47 -4.11 12.47
C SER B 211 -2.45 -5.16 12.87
N ASP B 212 -1.24 -4.74 13.27
CA ASP B 212 -0.23 -5.70 13.71
C ASP B 212 -0.76 -6.53 14.87
N ALA B 213 -1.42 -5.91 15.83
CA ALA B 213 -1.91 -6.64 17.00
C ALA B 213 -2.96 -7.67 16.59
N VAL B 214 -3.91 -7.27 15.73
CA VAL B 214 -4.95 -8.20 15.28
C VAL B 214 -4.32 -9.35 14.52
N ILE B 215 -3.31 -9.06 13.69
CA ILE B 215 -2.64 -10.12 12.94
C ILE B 215 -1.96 -11.09 13.89
N GLY B 216 -1.22 -10.56 14.86
CA GLY B 216 -0.56 -11.42 15.83
C GLY B 216 -1.52 -12.35 16.55
N MET B 217 -2.64 -11.79 17.02
CA MET B 217 -3.66 -12.61 17.66
C MET B 217 -4.19 -13.68 16.72
N ASN B 218 -4.46 -13.30 15.46
CA ASN B 218 -5.00 -14.26 14.49
C ASN B 218 -4.02 -15.39 14.23
N GLU B 219 -2.73 -15.07 14.13
CA GLU B 219 -1.73 -16.10 13.85
C GLU B 219 -1.63 -17.10 15.00
N LEU B 220 -1.82 -16.66 16.24
CA LEU B 220 -1.75 -17.56 17.38
C LEU B 220 -2.99 -18.42 17.52
N HIS B 221 -4.16 -17.90 17.11
CA HIS B 221 -5.39 -18.68 17.23
C HIS B 221 -5.42 -19.83 16.24
N SER B 222 -5.02 -19.59 15.00
CA SER B 222 -5.10 -20.59 13.94
C SER B 222 -3.82 -21.40 13.77
N PHE B 223 -2.90 -21.36 14.75
CA PHE B 223 -1.63 -22.05 14.61
C PHE B 223 -1.82 -23.56 14.46
N GLU B 224 -2.51 -24.18 15.42
CA GLU B 224 -2.64 -25.63 15.41
C GLU B 224 -3.36 -26.12 14.16
N LYS B 225 -4.41 -25.40 13.74
CA LYS B 225 -5.14 -25.79 12.54
C LYS B 225 -4.25 -25.70 11.30
N ASP B 226 -3.54 -24.59 11.14
CA ASP B 226 -2.71 -24.40 9.96
C ASP B 226 -1.56 -25.40 9.91
N ARG B 227 -0.97 -25.71 11.07
CA ARG B 227 0.15 -26.65 11.10
C ARG B 227 -0.30 -28.05 10.70
N ALA B 228 -1.49 -28.45 11.12
CA ALA B 228 -1.99 -29.79 10.82
C ALA B 228 -2.52 -29.91 9.40
N GLN B 229 -2.83 -28.79 8.75
CA GLN B 229 -3.36 -28.80 7.39
C GLN B 229 -2.33 -28.32 6.36
N GLY B 230 -1.14 -27.94 6.78
CA GLY B 230 -0.11 -27.49 5.86
C GLY B 230 -0.26 -26.06 5.39
N HIS B 231 -1.08 -25.25 6.04
CA HIS B 231 -1.29 -23.87 5.63
C HIS B 231 -0.20 -22.96 6.18
N ALA B 232 -0.12 -21.76 5.61
CA ALA B 232 0.90 -20.81 6.02
C ALA B 232 0.58 -20.23 7.39
N ASN B 233 1.62 -19.87 8.13
CA ASN B 233 1.45 -19.27 9.44
C ASN B 233 2.73 -18.53 9.83
N LEU B 234 2.56 -17.39 10.51
CA LEU B 234 3.72 -16.57 10.87
C LEU B 234 4.67 -17.34 11.77
N VAL B 235 4.14 -18.16 12.68
CA VAL B 235 4.99 -18.91 13.60
C VAL B 235 5.87 -19.89 12.83
N LEU B 236 5.28 -20.58 11.85
CA LEU B 236 6.04 -21.55 11.06
C LEU B 236 7.12 -20.85 10.24
N SER B 237 6.84 -19.65 9.75
CA SER B 237 7.84 -18.92 8.98
C SER B 237 9.04 -18.53 9.83
N LEU B 238 8.79 -18.19 11.10
CA LEU B 238 9.88 -17.85 12.01
C LEU B 238 10.76 -19.06 12.30
N VAL B 239 10.15 -20.24 12.44
CA VAL B 239 10.92 -21.46 12.66
C VAL B 239 11.77 -21.77 11.44
N HIS B 240 11.18 -21.68 10.25
CA HIS B 240 11.86 -22.10 9.03
C HIS B 240 13.02 -21.17 8.70
N HIS B 241 12.81 -19.86 8.78
CA HIS B 241 13.82 -18.89 8.37
C HIS B 241 14.68 -18.37 9.52
N GLY B 242 14.13 -18.32 10.74
CA GLY B 242 14.89 -17.84 11.88
C GLY B 242 15.65 -18.88 12.66
N GLY B 243 15.47 -20.16 12.34
CA GLY B 243 16.09 -21.22 13.10
C GLY B 243 15.56 -21.40 14.50
N LEU B 244 14.50 -20.67 14.87
CA LEU B 244 13.95 -20.76 16.20
C LEU B 244 13.20 -22.08 16.39
N THR B 245 12.99 -22.44 17.64
CA THR B 245 12.14 -23.58 17.97
C THR B 245 10.69 -23.13 18.07
N GLY B 246 9.79 -24.10 18.22
CA GLY B 246 8.38 -23.82 18.35
C GLY B 246 8.11 -22.83 19.47
N PRO B 247 8.52 -23.18 20.69
CA PRO B 247 8.31 -22.25 21.82
C PRO B 247 8.88 -20.86 21.59
N GLU B 248 10.05 -20.76 20.94
CA GLU B 248 10.66 -19.46 20.69
C GLU B 248 9.84 -18.65 19.72
N ALA B 249 9.36 -19.28 18.64
CA ALA B 249 8.58 -18.55 17.64
C ALA B 249 7.29 -18.02 18.22
N VAL B 250 6.67 -18.76 19.15
CA VAL B 250 5.43 -18.29 19.76
C VAL B 250 5.69 -17.05 20.61
N THR B 251 6.73 -17.10 21.44
CA THR B 251 7.10 -15.92 22.22
C THR B 251 7.38 -14.73 21.33
N ARG B 252 7.96 -14.96 20.15
CA ARG B 252 8.27 -13.88 19.23
C ARG B 252 6.99 -13.19 18.75
N VAL B 253 5.97 -13.97 18.43
CA VAL B 253 4.70 -13.38 17.98
C VAL B 253 4.02 -12.66 19.14
N CYS B 254 4.12 -13.21 20.35
CA CYS B 254 3.55 -12.54 21.52
C CYS B 254 4.19 -11.17 21.72
N ASP B 255 5.51 -11.08 21.55
CA ASP B 255 6.18 -9.80 21.68
C ASP B 255 5.70 -8.80 20.64
N LEU B 256 5.28 -9.27 19.46
CA LEU B 256 4.76 -8.37 18.44
C LEU B 256 3.44 -7.73 18.88
N VAL B 257 2.56 -8.52 19.48
CA VAL B 257 1.28 -7.98 19.92
C VAL B 257 1.48 -6.97 21.05
N GLN B 258 2.26 -7.35 22.06
CA GLN B 258 2.48 -6.45 23.20
C GLN B 258 3.18 -5.17 22.77
N GLY B 259 4.18 -5.29 21.89
CA GLY B 259 4.88 -4.10 21.43
C GLY B 259 4.00 -3.19 20.61
N SER B 260 3.12 -3.78 19.78
CA SER B 260 2.19 -2.97 19.01
C SER B 260 1.23 -2.20 19.92
N ILE B 261 0.74 -2.86 20.97
CA ILE B 261 -0.13 -2.18 21.92
C ILE B 261 0.62 -1.02 22.58
N GLU B 262 1.86 -1.27 23.00
CA GLU B 262 2.65 -0.22 23.63
C GLU B 262 2.91 0.93 22.67
N SER B 263 3.20 0.60 21.41
CA SER B 263 3.40 1.66 20.41
C SER B 263 2.13 2.45 20.18
N PHE B 264 0.99 1.76 20.08
CA PHE B 264 -0.29 2.45 19.93
C PHE B 264 -0.52 3.44 21.06
N LEU B 265 -0.18 3.06 22.29
CA LEU B 265 -0.44 3.94 23.44
C LEU B 265 0.48 5.16 23.42
N ARG B 266 1.71 5.01 22.95
CA ARG B 266 2.59 6.17 22.82
C ARG B 266 2.07 7.15 21.78
N LEU B 267 1.56 6.64 20.66
CA LEU B 267 1.01 7.52 19.63
C LEU B 267 -0.22 8.25 20.13
N ARG B 268 -1.09 7.56 20.87
CA ARG B 268 -2.33 8.18 21.35
C ARG B 268 -2.04 9.37 22.26
N SER B 269 -0.99 9.27 23.09
CA SER B 269 -0.68 10.33 24.02
C SER B 269 -0.30 11.64 23.34
N GLY B 270 -0.06 11.63 22.03
CA GLY B 270 0.26 12.84 21.29
C GLY B 270 -0.90 13.46 20.55
N LEU B 271 -2.13 12.99 20.74
CA LEU B 271 -3.28 13.51 20.01
C LEU B 271 -3.66 14.92 20.43
N PRO B 272 -3.56 15.28 21.71
CA PRO B 272 -3.85 16.68 22.08
C PRO B 272 -2.98 17.68 21.34
N GLU B 273 -1.69 17.39 21.19
CA GLU B 273 -0.80 18.29 20.45
C GLU B 273 -1.08 18.24 18.97
N LEU B 274 -1.48 17.07 18.44
CA LEU B 274 -1.88 16.99 17.04
C LEU B 274 -3.09 17.88 16.77
N GLY B 275 -4.06 17.87 17.68
CA GLY B 275 -5.24 18.70 17.49
C GLY B 275 -4.91 20.19 17.52
N ARG B 276 -4.01 20.59 18.42
CA ARG B 276 -3.60 21.98 18.49
C ARG B 276 -2.86 22.39 17.22
N ALA B 277 -1.93 21.55 16.75
CA ALA B 277 -1.15 21.90 15.57
C ALA B 277 -2.03 22.02 14.34
N LEU B 278 -2.95 21.09 14.13
CA LEU B 278 -3.78 21.06 12.94
C LEU B 278 -5.12 21.79 13.12
N GLY B 279 -5.40 22.29 14.32
CA GLY B 279 -6.67 22.94 14.58
C GLY B 279 -7.84 22.00 14.42
N VAL B 280 -7.75 20.83 15.03
CA VAL B 280 -8.80 19.82 14.99
C VAL B 280 -9.34 19.61 16.40
N GLU B 281 -10.66 19.53 16.50
CA GLU B 281 -11.31 19.22 17.78
C GLU B 281 -10.76 17.93 18.36
N GLY B 282 -10.34 17.98 19.63
CA GLY B 282 -9.79 16.80 20.27
C GLY B 282 -10.79 15.70 20.48
N ALA B 283 -12.07 16.06 20.65
CA ALA B 283 -13.11 15.06 20.93
C ALA B 283 -13.15 13.98 19.84
N VAL B 284 -13.14 14.39 18.58
CA VAL B 284 -13.26 13.42 17.49
C VAL B 284 -12.03 12.53 17.42
N LEU B 285 -10.86 13.06 17.80
CA LEU B 285 -9.64 12.26 17.78
C LEU B 285 -9.71 11.15 18.82
N ASP B 286 -10.16 11.47 20.04
CA ASP B 286 -10.31 10.45 21.07
C ASP B 286 -11.38 9.44 20.70
N ARG B 287 -12.44 9.88 20.01
CA ARG B 287 -13.48 8.97 19.58
C ARG B 287 -12.95 7.97 18.57
N TYR B 288 -12.09 8.44 17.66
CA TYR B 288 -11.48 7.56 16.67
C TYR B 288 -10.50 6.60 17.33
N ALA B 289 -9.68 7.09 18.26
CA ALA B 289 -8.77 6.21 18.98
C ALA B 289 -9.53 5.16 19.77
N ASP B 290 -10.65 5.55 20.39
CA ASP B 290 -11.48 4.59 21.11
C ASP B 290 -12.01 3.50 20.19
N ALA B 291 -12.37 3.86 18.96
CA ALA B 291 -12.90 2.88 18.01
C ALA B 291 -11.85 1.85 17.64
N LEU B 292 -10.61 2.30 17.39
CA LEU B 292 -9.54 1.36 17.06
C LEU B 292 -9.26 0.42 18.23
N SER B 293 -9.18 0.97 19.44
CA SER B 293 -8.94 0.14 20.62
C SER B 293 -10.09 -0.84 20.84
N ALA B 294 -11.33 -0.39 20.66
CA ALA B 294 -12.48 -1.26 20.86
C ALA B 294 -12.47 -2.42 19.87
N PHE B 295 -12.08 -2.15 18.62
CA PHE B 295 -12.02 -3.22 17.63
C PHE B 295 -10.98 -4.26 18.01
N CYS B 296 -9.79 -3.81 18.42
CA CYS B 296 -8.74 -4.75 18.81
C CYS B 296 -9.18 -5.57 20.02
N ARG B 297 -9.76 -4.92 21.03
CA ARG B 297 -10.25 -5.65 22.20
C ARG B 297 -11.35 -6.62 21.79
N GLY B 298 -12.26 -6.21 20.91
CA GLY B 298 -13.34 -7.09 20.51
C GLY B 298 -12.82 -8.36 19.87
N TYR B 299 -11.90 -8.23 18.92
CA TYR B 299 -11.33 -9.40 18.27
C TYR B 299 -10.60 -10.29 19.27
N HIS B 300 -9.92 -9.66 20.25
CA HIS B 300 -9.21 -10.43 21.26
C HIS B 300 -10.17 -11.29 22.07
N ASP B 301 -11.26 -10.70 22.57
CA ASP B 301 -12.21 -11.44 23.39
C ASP B 301 -12.90 -12.53 22.57
N TRP B 302 -13.35 -12.21 21.36
CA TRP B 302 -14.02 -13.21 20.54
C TRP B 302 -13.09 -14.38 20.23
N GLY B 303 -11.83 -14.08 19.86
CA GLY B 303 -10.89 -15.14 19.58
C GLY B 303 -10.66 -16.07 20.76
N ARG B 304 -10.70 -15.52 21.97
CA ARG B 304 -10.50 -16.31 23.18
C ARG B 304 -11.79 -17.02 23.58
C1 GOL C . 5.31 1.37 15.05
O1 GOL C . 5.70 0.53 14.02
C2 GOL C . 5.53 2.82 14.55
O2 GOL C . 6.20 2.85 13.34
C3 GOL C . 4.12 3.44 14.45
O3 GOL C . 4.28 4.72 13.93
C1 GOL D . 3.70 11.02 13.99
O1 GOL D . 3.47 12.30 14.48
C2 GOL D . 5.04 10.54 14.59
O2 GOL D . 5.03 10.57 15.98
C3 GOL D . 5.23 9.11 14.04
O3 GOL D . 6.32 8.57 14.72
C1 GOL E . 5.45 11.78 -28.34
O1 GOL E . 6.67 12.16 -28.88
C2 GOL E . 4.96 12.93 -27.42
O2 GOL E . 5.46 14.16 -27.82
C3 GOL E . 3.42 12.89 -27.48
O3 GOL E . 2.96 13.88 -26.62
C1 GOL F . 8.59 -16.30 -0.91
O1 GOL F . 8.55 -16.93 -2.15
C2 GOL F . 10.01 -16.52 -0.35
O2 GOL F . 10.95 -16.63 -1.35
C3 GOL F . 10.27 -15.29 0.55
O3 GOL F . 9.17 -15.16 1.39
C1 GOL G . 6.28 5.32 17.93
O1 GOL G . 6.27 4.16 18.71
C2 GOL G . 6.07 6.51 18.90
O2 GOL G . 6.75 6.34 20.10
C3 GOL G . 6.59 7.75 18.13
O3 GOL G . 6.31 8.87 18.93
C1 GOL H . 12.18 -10.41 1.15
O1 GOL H . 11.29 -11.46 0.98
C2 GOL H . 11.59 -9.49 2.24
O2 GOL H . 10.72 -10.16 3.08
C3 GOL H . 12.81 -8.92 2.99
O3 GOL H . 12.31 -7.97 3.89
#